data_7AVH
#
_entry.id   7AVH
#
_cell.length_a   24.127
_cell.length_b   37.155
_cell.length_c   101.140
_cell.angle_alpha   90.00
_cell.angle_beta   95.84
_cell.angle_gamma   90.00
#
_symmetry.space_group_name_H-M   'P 1 21 1'
#
loop_
_entity.id
_entity.type
_entity.pdbx_description
1 polymer 'LPXTG cell wall surface protein'
2 non-polymer 'CHLORIDE ION'
3 non-polymer 2-AMINO-2-HYDROXYMETHYL-PROPANE-1,3-DIOL
4 water water
#
_entity_poly.entity_id   1
_entity_poly.type   'polypeptide(L)'
_entity_poly.pdbx_seq_one_letter_code
;TYKATHEFMSGTPGKELPQEVKDLLPADQTDLKDGSQATPTQPSKTEVKTAEGTWSFKSYDKTSETINGADAHFVGTWEF
TPAPTYKATHEFVSGTPGKELPQEVKDLLPADQTDLKDGSQATPTQPSKTEVKTTEGTWSFKSYDKTSETINGADAHFVG
TWEFTPA
;
_entity_poly.pdbx_strand_id   A
#
# COMPACT_ATOMS: atom_id res chain seq x y z
N THR A 1 35.89 17.61 -27.32
CA THR A 1 35.32 16.89 -26.10
C THR A 1 33.82 17.13 -25.85
N TYR A 2 33.26 16.22 -25.04
CA TYR A 2 31.77 16.13 -24.84
C TYR A 2 31.47 15.84 -23.36
N LYS A 3 30.16 15.90 -23.09
CA LYS A 3 29.66 15.64 -21.73
C LYS A 3 28.86 14.37 -21.71
N ALA A 4 28.74 13.83 -20.49
CA ALA A 4 27.74 12.78 -20.20
C ALA A 4 26.77 13.27 -19.13
N THR A 5 25.47 13.26 -19.49
CA THR A 5 24.42 13.82 -18.61
C THR A 5 23.52 12.67 -18.13
N HIS A 6 22.72 13.06 -17.12
CA HIS A 6 21.88 12.07 -16.46
C HIS A 6 20.45 12.63 -16.35
N GLU A 7 19.49 11.71 -16.37
N GLU A 7 19.57 11.64 -16.20
CA GLU A 7 18.10 12.05 -15.97
CA GLU A 7 18.12 11.88 -16.00
C GLU A 7 17.51 10.84 -15.22
C GLU A 7 17.58 10.77 -15.11
N PHE A 8 16.57 11.13 -14.33
CA PHE A 8 15.86 10.09 -13.58
C PHE A 8 14.39 10.04 -14.01
N MET A 9 13.85 8.84 -13.91
N MET A 9 13.84 8.83 -14.06
CA MET A 9 12.42 8.63 -14.20
CA MET A 9 12.41 8.58 -14.36
C MET A 9 11.88 7.58 -13.23
C MET A 9 11.88 7.69 -13.23
N SER A 10 10.54 7.69 -13.05
CA SER A 10 9.84 6.67 -12.28
C SER A 10 9.56 5.48 -13.20
N GLY A 11 9.80 4.27 -12.72
CA GLY A 11 9.42 3.03 -13.40
C GLY A 11 8.16 2.42 -12.81
N THR A 12 7.40 3.20 -12.03
CA THR A 12 6.15 2.73 -11.39
C THR A 12 4.98 3.54 -11.90
N PRO A 13 4.09 2.91 -12.69
CA PRO A 13 2.98 3.63 -13.29
C PRO A 13 2.15 4.35 -12.20
N GLY A 14 1.76 5.60 -12.43
CA GLY A 14 0.92 6.39 -11.51
C GLY A 14 1.69 7.08 -10.39
N LYS A 15 3.00 6.92 -10.31
CA LYS A 15 3.81 7.54 -9.24
C LYS A 15 4.86 8.44 -9.89
N GLU A 16 4.88 9.69 -9.48
CA GLU A 16 5.94 10.67 -9.88
C GLU A 16 7.03 10.62 -8.84
N LEU A 17 8.25 10.87 -9.31
CA LEU A 17 9.39 10.95 -8.42
C LEU A 17 9.25 12.11 -7.45
N PRO A 18 9.60 11.87 -6.17
CA PRO A 18 9.64 12.94 -5.18
C PRO A 18 10.91 13.79 -5.37
N GLN A 19 10.91 14.96 -4.73
CA GLN A 19 12.08 15.85 -4.83
C GLN A 19 13.28 15.18 -4.22
N GLU A 20 13.17 14.36 -3.21
CA GLU A 20 14.33 13.72 -2.54
C GLU A 20 15.03 12.79 -3.53
N VAL A 21 14.35 12.19 -4.45
CA VAL A 21 14.98 11.37 -5.47
C VAL A 21 15.63 12.31 -6.47
N LYS A 22 14.93 13.29 -6.98
CA LYS A 22 15.46 14.24 -7.96
C LYS A 22 16.71 14.90 -7.40
N ASP A 23 16.83 15.14 -6.14
CA ASP A 23 17.97 15.77 -5.52
C ASP A 23 19.26 14.93 -5.69
N LEU A 24 19.16 13.66 -6.00
CA LEU A 24 20.27 12.73 -6.15
C LEU A 24 20.76 12.66 -7.62
N LEU A 25 20.19 13.42 -8.48
CA LEU A 25 20.62 13.36 -9.89
C LEU A 25 22.11 13.74 -9.98
N PRO A 26 22.94 12.85 -10.59
CA PRO A 26 24.38 13.20 -10.66
C PRO A 26 24.62 14.41 -11.53
N ALA A 27 25.73 15.05 -11.20
CA ALA A 27 26.28 16.11 -12.00
C ALA A 27 26.76 15.61 -13.39
N ASP A 28 26.75 16.52 -14.36
CA ASP A 28 27.32 16.17 -15.66
C ASP A 28 28.80 15.82 -15.55
N GLN A 29 29.18 14.85 -16.33
CA GLN A 29 30.60 14.55 -16.56
C GLN A 29 31.06 15.37 -17.75
N THR A 30 32.17 16.05 -17.61
CA THR A 30 32.62 16.96 -18.66
C THR A 30 33.98 16.54 -19.22
N ASP A 31 34.30 17.12 -20.37
CA ASP A 31 35.66 16.99 -20.95
C ASP A 31 35.96 15.51 -21.34
N LEU A 32 34.98 14.78 -21.86
CA LEU A 32 35.14 13.40 -22.32
C LEU A 32 35.61 13.38 -23.75
N LYS A 33 36.67 12.60 -23.94
CA LYS A 33 37.24 12.48 -25.26
C LYS A 33 36.30 11.80 -26.25
N ASP A 34 36.28 12.33 -27.44
CA ASP A 34 35.53 11.70 -28.53
C ASP A 34 36.01 10.28 -28.75
N GLY A 35 35.08 9.34 -28.92
CA GLY A 35 35.41 7.93 -29.10
C GLY A 35 35.69 7.17 -27.82
N SER A 36 35.72 7.81 -26.66
CA SER A 36 35.92 7.13 -25.36
C SER A 36 34.62 6.47 -24.90
N GLN A 37 34.70 5.64 -23.89
CA GLN A 37 33.52 5.04 -23.24
C GLN A 37 33.06 5.95 -22.09
N ALA A 38 31.79 6.32 -22.12
CA ALA A 38 31.16 7.03 -21.00
C ALA A 38 30.36 6.02 -20.17
N THR A 39 30.53 6.09 -18.89
CA THR A 39 29.69 5.28 -17.99
CA THR A 39 29.78 5.26 -17.93
C THR A 39 29.03 6.23 -17.01
N PRO A 40 27.73 6.00 -16.71
CA PRO A 40 26.98 6.93 -15.91
C PRO A 40 27.49 6.87 -14.46
N THR A 41 27.36 8.00 -13.78
CA THR A 41 27.66 8.13 -12.37
C THR A 41 26.51 7.46 -11.59
N GLN A 42 26.87 6.58 -10.69
CA GLN A 42 25.80 5.99 -9.83
C GLN A 42 25.33 7.03 -8.84
N PRO A 43 24.01 6.99 -8.50
N PRO A 43 24.01 7.05 -8.47
CA PRO A 43 23.49 7.86 -7.47
CA PRO A 43 23.59 7.99 -7.46
C PRO A 43 24.21 7.63 -6.12
C PRO A 43 24.24 7.66 -6.12
N SER A 44 24.34 8.71 -5.33
CA SER A 44 25.10 8.63 -4.06
CA SER A 44 25.07 8.67 -4.04
C SER A 44 24.43 7.72 -3.03
N LYS A 45 23.14 7.50 -3.19
CA LYS A 45 22.40 6.45 -2.44
C LYS A 45 21.34 5.91 -3.38
N THR A 46 20.83 4.71 -3.06
CA THR A 46 19.94 3.98 -3.98
C THR A 46 18.59 3.66 -3.36
N GLU A 47 18.33 4.29 -2.25
CA GLU A 47 17.08 4.09 -1.49
CA GLU A 47 17.01 4.11 -1.58
C GLU A 47 16.65 5.43 -0.91
N VAL A 48 15.35 5.77 -1.04
CA VAL A 48 14.78 6.97 -0.39
C VAL A 48 13.40 6.58 0.19
N LYS A 49 13.29 6.69 1.51
CA LYS A 49 11.99 6.49 2.15
C LYS A 49 11.24 7.82 2.19
N THR A 50 9.94 7.72 1.90
CA THR A 50 9.00 8.84 2.08
C THR A 50 7.82 8.34 2.93
N ALA A 51 6.94 9.26 3.31
CA ALA A 51 5.74 8.83 4.07
C ALA A 51 4.87 7.91 3.24
N GLU A 52 4.93 7.97 1.91
CA GLU A 52 4.11 7.12 1.01
C GLU A 52 4.69 5.70 0.86
N GLY A 53 6.03 5.58 0.88
CA GLY A 53 6.73 4.33 0.59
C GLY A 53 8.18 4.57 0.27
N THR A 54 8.78 3.53 -0.29
CA THR A 54 10.23 3.60 -0.56
CA THR A 54 10.24 3.59 -0.56
C THR A 54 10.51 3.53 -2.05
N TRP A 55 11.43 4.42 -2.47
CA TRP A 55 11.98 4.39 -3.81
C TRP A 55 13.35 3.70 -3.83
N SER A 56 13.52 2.83 -4.84
CA SER A 56 14.79 2.12 -4.99
CA SER A 56 14.73 2.02 -5.03
C SER A 56 15.27 2.29 -6.42
N PHE A 57 16.58 2.57 -6.51
CA PHE A 57 17.20 2.75 -7.84
C PHE A 57 17.32 1.38 -8.50
N LYS A 58 16.91 1.30 -9.76
CA LYS A 58 17.02 0.06 -10.54
C LYS A 58 18.35 0.06 -11.32
N SER A 59 18.45 0.94 -12.33
CA SER A 59 19.63 0.96 -13.21
C SER A 59 19.44 2.09 -14.16
N TYR A 60 20.55 2.38 -14.88
CA TYR A 60 20.47 3.21 -16.08
C TYR A 60 20.06 2.31 -17.28
N ASP A 61 19.60 2.99 -18.32
CA ASP A 61 19.15 2.34 -19.54
C ASP A 61 20.29 1.62 -20.28
N LYS A 62 21.47 2.21 -20.15
CA LYS A 62 22.73 1.75 -20.79
CA LYS A 62 22.67 1.53 -20.68
C LYS A 62 23.79 1.75 -19.69
N THR A 63 24.60 0.74 -19.58
CA THR A 63 25.64 0.86 -18.54
C THR A 63 26.90 1.54 -19.09
N SER A 64 26.95 1.82 -20.37
CA SER A 64 28.03 2.58 -20.99
C SER A 64 27.59 2.96 -22.37
N GLU A 65 28.31 3.90 -22.94
CA GLU A 65 28.10 4.24 -24.34
C GLU A 65 29.39 4.85 -24.87
N THR A 66 29.62 4.64 -26.15
CA THR A 66 30.73 5.23 -26.86
C THR A 66 30.37 6.67 -27.21
N ILE A 67 31.21 7.62 -26.82
CA ILE A 67 31.01 9.01 -27.26
C ILE A 67 31.32 9.09 -28.76
N ASN A 68 30.37 9.51 -29.57
CA ASN A 68 30.54 9.53 -31.02
C ASN A 68 30.06 10.86 -31.55
N GLY A 69 30.87 11.89 -31.30
CA GLY A 69 30.60 13.21 -31.90
C GLY A 69 29.34 13.87 -31.32
N ALA A 70 28.97 13.54 -30.07
CA ALA A 70 27.86 14.22 -29.38
C ALA A 70 27.93 13.85 -27.92
N ASP A 71 27.33 14.70 -27.11
CA ASP A 71 27.10 14.43 -25.68
C ASP A 71 26.26 13.14 -25.51
N ALA A 72 26.59 12.43 -24.46
CA ALA A 72 25.88 11.21 -24.10
C ALA A 72 24.88 11.52 -22.98
N HIS A 73 23.80 10.72 -22.91
CA HIS A 73 22.72 10.94 -21.93
C HIS A 73 22.29 9.58 -21.40
N PHE A 74 22.16 9.47 -20.09
CA PHE A 74 21.82 8.22 -19.42
C PHE A 74 20.53 8.45 -18.58
N VAL A 75 19.61 7.53 -18.73
CA VAL A 75 18.30 7.62 -18.06
C VAL A 75 18.26 6.52 -16.94
N GLY A 76 18.10 7.00 -15.69
CA GLY A 76 18.09 6.07 -14.57
C GLY A 76 16.63 5.92 -14.04
N THR A 77 16.26 4.68 -13.83
CA THR A 77 14.89 4.35 -13.35
C THR A 77 14.92 4.03 -11.88
N TRP A 78 13.94 4.64 -11.15
CA TRP A 78 13.63 4.28 -9.75
C TRP A 78 12.25 3.63 -9.72
N GLU A 79 12.13 2.69 -8.80
CA GLU A 79 10.78 2.04 -8.61
C GLU A 79 10.29 2.25 -7.18
N PHE A 80 8.96 2.28 -7.06
CA PHE A 80 8.29 2.63 -5.79
C PHE A 80 7.62 1.37 -5.22
N THR A 81 7.82 1.20 -3.93
CA THR A 81 7.07 0.21 -3.14
C THR A 81 6.28 0.90 -2.05
N PRO A 82 4.94 0.75 -2.08
CA PRO A 82 4.12 1.45 -1.10
CA PRO A 82 4.13 1.46 -1.10
C PRO A 82 4.46 1.01 0.33
N ALA A 83 4.28 1.91 1.26
CA ALA A 83 4.42 1.60 2.70
C ALA A 83 3.51 0.44 3.12
N PRO A 84 3.91 -0.30 4.17
CA PRO A 84 3.09 -1.38 4.74
C PRO A 84 1.63 -0.99 4.97
N THR A 85 0.75 -1.86 4.52
CA THR A 85 -0.71 -1.71 4.76
C THR A 85 -1.19 -2.70 5.80
N TYR A 86 -2.44 -2.53 6.20
CA TYR A 86 -3.05 -3.30 7.31
C TYR A 86 -4.42 -3.80 6.85
N LYS A 87 -5.00 -4.60 7.74
CA LYS A 87 -6.33 -5.20 7.51
C LYS A 87 -7.30 -4.71 8.58
N ALA A 88 -8.57 -4.84 8.23
CA ALA A 88 -9.66 -4.74 9.22
C ALA A 88 -10.46 -6.01 9.17
N THR A 89 -10.53 -6.67 10.35
CA THR A 89 -11.23 -7.95 10.47
C THR A 89 -12.50 -7.77 11.32
N HIS A 90 -13.27 -8.85 11.29
CA HIS A 90 -14.60 -8.86 11.95
C HIS A 90 -14.69 -10.12 12.75
N GLU A 91 -15.60 -10.00 13.74
CA GLU A 91 -16.02 -11.13 14.57
C GLU A 91 -17.48 -10.91 14.99
N PHE A 92 -18.19 -12.00 15.13
CA PHE A 92 -19.56 -11.93 15.71
C PHE A 92 -19.61 -12.65 17.04
N VAL A 93 -20.44 -12.07 17.89
CA VAL A 93 -20.73 -12.64 19.23
C VAL A 93 -22.26 -12.56 19.45
N SER A 94 -22.68 -13.47 20.32
CA SER A 94 -24.05 -13.41 20.87
C SER A 94 -24.13 -12.40 22.02
N GLY A 95 -25.12 -11.53 21.98
CA GLY A 95 -25.44 -10.61 23.09
C GLY A 95 -26.55 -11.14 23.97
N THR A 96 -26.89 -12.40 23.81
CA THR A 96 -28.02 -13.00 24.57
C THR A 96 -27.45 -14.07 25.47
N PRO A 97 -27.48 -13.90 26.80
CA PRO A 97 -26.90 -14.89 27.68
C PRO A 97 -27.57 -16.27 27.47
N GLY A 98 -26.75 -17.33 27.46
CA GLY A 98 -27.14 -18.73 27.31
C GLY A 98 -27.45 -19.14 25.91
N LYS A 99 -27.30 -18.28 24.91
CA LYS A 99 -27.56 -18.62 23.51
C LYS A 99 -26.26 -18.46 22.71
N GLU A 100 -25.90 -19.50 21.98
CA GLU A 100 -24.74 -19.45 21.06
C GLU A 100 -25.26 -19.07 19.68
N LEU A 101 -24.42 -18.39 18.91
CA LEU A 101 -24.75 -18.12 17.52
C LEU A 101 -24.89 -19.40 16.72
N PRO A 102 -25.92 -19.45 15.85
CA PRO A 102 -26.04 -20.56 14.91
C PRO A 102 -25.10 -20.35 13.71
N GLN A 103 -24.92 -21.41 12.96
CA GLN A 103 -23.99 -21.35 11.84
C GLN A 103 -24.49 -20.35 10.81
N GLU A 104 -25.80 -20.22 10.63
CA GLU A 104 -26.35 -19.29 9.63
C GLU A 104 -25.90 -17.88 9.97
N VAL A 105 -25.79 -17.49 11.20
CA VAL A 105 -25.27 -16.15 11.56
C VAL A 105 -23.76 -16.11 11.29
N LYS A 106 -23.05 -17.09 11.71
CA LYS A 106 -21.58 -17.11 11.50
C LYS A 106 -21.28 -17.05 10.00
N ASP A 107 -22.12 -17.63 9.14
CA ASP A 107 -21.88 -17.62 7.69
C ASP A 107 -21.92 -16.19 7.11
N LEU A 108 -22.46 -15.21 7.83
CA LEU A 108 -22.60 -13.83 7.38
C LEU A 108 -21.41 -12.96 7.84
N LEU A 109 -20.39 -13.57 8.43
CA LEU A 109 -19.27 -12.76 8.88
C LEU A 109 -18.61 -12.10 7.66
N PRO A 110 -18.41 -10.79 7.64
CA PRO A 110 -17.80 -10.17 6.44
C PRO A 110 -16.35 -10.64 6.27
N ALA A 111 -15.94 -10.53 5.00
CA ALA A 111 -14.55 -10.69 4.62
C ALA A 111 -13.63 -9.66 5.27
N ASP A 112 -12.35 -10.02 5.42
CA ASP A 112 -11.40 -9.01 5.87
C ASP A 112 -11.27 -7.88 4.81
N GLN A 113 -11.13 -6.68 5.29
CA GLN A 113 -10.75 -5.53 4.44
C GLN A 113 -9.24 -5.49 4.41
N THR A 114 -8.68 -5.43 3.23
CA THR A 114 -7.21 -5.46 3.07
C THR A 114 -6.71 -4.16 2.46
N ASP A 115 -5.37 -4.05 2.54
CA ASP A 115 -4.59 -2.98 1.85
C ASP A 115 -4.99 -1.60 2.38
N LEU A 116 -5.30 -1.53 3.69
CA LEU A 116 -5.66 -0.24 4.31
C LEU A 116 -4.37 0.51 4.66
N LYS A 117 -4.33 1.78 4.28
CA LYS A 117 -3.17 2.62 4.57
C LYS A 117 -3.07 2.97 6.05
N ASP A 118 -1.86 2.95 6.53
CA ASP A 118 -1.57 3.46 7.90
C ASP A 118 -2.09 4.91 8.01
N GLY A 119 -2.75 5.18 9.14
CA GLY A 119 -3.38 6.47 9.47
C GLY A 119 -4.77 6.64 8.88
N SER A 120 -5.25 5.73 8.03
CA SER A 120 -6.58 5.82 7.41
C SER A 120 -7.67 5.41 8.42
N GLN A 121 -8.90 5.75 8.10
CA GLN A 121 -10.07 5.35 8.92
C GLN A 121 -10.65 4.06 8.37
N ALA A 122 -10.81 3.07 9.24
CA ALA A 122 -11.49 1.83 8.85
C ALA A 122 -12.92 1.85 9.40
N THR A 123 -13.86 1.47 8.59
CA THR A 123 -15.27 1.29 9.05
CA THR A 123 -15.29 1.31 8.96
C THR A 123 -15.67 -0.15 8.76
N PRO A 124 -16.31 -0.83 9.73
CA PRO A 124 -16.61 -2.21 9.53
C PRO A 124 -17.65 -2.41 8.44
N THR A 125 -17.54 -3.54 7.75
CA THR A 125 -18.49 -3.96 6.74
C THR A 125 -19.78 -4.39 7.45
N GLN A 126 -20.90 -3.86 7.01
CA GLN A 126 -22.19 -4.30 7.54
C GLN A 126 -22.49 -5.70 7.03
N PRO A 127 -23.11 -6.55 7.89
N PRO A 127 -23.14 -6.58 7.83
CA PRO A 127 -23.56 -7.85 7.41
CA PRO A 127 -23.48 -7.90 7.33
C PRO A 127 -24.52 -7.71 6.22
C PRO A 127 -24.55 -7.76 6.24
N SER A 128 -24.50 -8.70 5.31
CA SER A 128 -25.32 -8.72 4.09
CA SER A 128 -25.32 -8.63 4.09
C SER A 128 -26.81 -8.73 4.41
N LYS A 129 -27.16 -9.29 5.55
CA LYS A 129 -28.54 -9.16 6.06
C LYS A 129 -28.34 -9.11 7.59
N THR A 130 -29.43 -8.69 8.24
CA THR A 130 -29.37 -8.39 9.69
C THR A 130 -30.38 -9.17 10.50
N GLU A 131 -31.05 -10.11 9.89
CA GLU A 131 -31.94 -11.02 10.62
CA GLU A 131 -32.09 -10.99 10.51
C GLU A 131 -31.80 -12.42 10.05
N VAL A 132 -31.87 -13.40 10.96
CA VAL A 132 -31.88 -14.80 10.61
C VAL A 132 -32.94 -15.49 11.48
N LYS A 133 -33.90 -16.12 10.83
CA LYS A 133 -34.92 -16.89 11.55
C LYS A 133 -34.47 -18.35 11.63
N THR A 134 -34.65 -18.99 12.77
CA THR A 134 -34.39 -20.40 13.00
C THR A 134 -35.65 -21.04 13.65
N THR A 135 -35.67 -22.34 13.84
CA THR A 135 -36.83 -23.00 14.49
CA THR A 135 -36.78 -23.05 14.52
C THR A 135 -37.01 -22.41 15.89
N GLU A 136 -35.94 -21.99 16.55
CA GLU A 136 -35.97 -21.58 17.97
C GLU A 136 -36.43 -20.14 18.14
N GLY A 137 -36.13 -19.28 17.19
CA GLY A 137 -36.45 -17.86 17.23
C GLY A 137 -35.65 -17.07 16.21
N THR A 138 -35.53 -15.79 16.42
CA THR A 138 -34.87 -14.94 15.42
C THR A 138 -33.67 -14.27 16.05
N TRP A 139 -32.60 -14.20 15.24
CA TRP A 139 -31.38 -13.46 15.53
C TRP A 139 -31.40 -12.16 14.78
N SER A 140 -31.04 -11.07 15.46
N SER A 140 -31.07 -11.06 15.46
N SER A 140 -31.11 -11.05 15.46
CA SER A 140 -31.09 -9.69 14.92
CA SER A 140 -31.07 -9.71 14.86
CA SER A 140 -31.07 -9.71 14.86
C SER A 140 -29.76 -8.95 15.17
C SER A 140 -29.73 -9.02 15.14
C SER A 140 -29.67 -9.13 15.12
N PHE A 141 -29.10 -8.46 14.11
CA PHE A 141 -27.83 -7.77 14.33
C PHE A 141 -28.10 -6.47 15.09
N LYS A 142 -27.28 -6.18 16.06
CA LYS A 142 -27.35 -4.93 16.87
C LYS A 142 -26.40 -3.89 16.27
N SER A 143 -25.12 -4.11 16.40
CA SER A 143 -24.11 -3.14 15.91
C SER A 143 -22.76 -3.74 16.19
N TYR A 144 -21.77 -3.06 15.57
CA TYR A 144 -20.36 -3.23 15.95
C TYR A 144 -20.05 -2.39 17.19
N ASP A 145 -19.02 -2.81 17.90
CA ASP A 145 -18.54 -2.17 19.15
C ASP A 145 -18.01 -0.76 18.89
N LYS A 146 -17.50 -0.51 17.69
N LYS A 146 -17.63 -0.48 17.63
CA LYS A 146 -17.19 0.87 17.28
CA LYS A 146 -16.93 0.76 17.19
C LYS A 146 -17.63 1.07 15.83
C LYS A 146 -17.41 1.09 15.76
N THR A 147 -17.91 2.33 15.53
CA THR A 147 -18.37 2.75 14.18
C THR A 147 -17.18 2.83 13.24
N SER A 148 -16.00 3.01 13.77
CA SER A 148 -14.77 3.26 12.97
C SER A 148 -13.59 3.11 13.89
N GLU A 149 -12.40 2.97 13.31
N GLU A 149 -12.41 2.94 13.27
CA GLU A 149 -11.16 3.08 14.10
CA GLU A 149 -11.10 2.82 13.94
C GLU A 149 -10.07 3.49 13.15
C GLU A 149 -10.11 3.58 13.07
N THR A 150 -9.17 4.28 13.67
CA THR A 150 -7.99 4.75 12.93
C THR A 150 -7.00 3.61 12.90
N ILE A 151 -6.45 3.31 11.71
CA ILE A 151 -5.34 2.35 11.56
C ILE A 151 -4.09 3.07 12.09
N ASN A 152 -3.51 2.60 13.19
N ASN A 152 -3.55 2.50 13.16
CA ASN A 152 -2.28 3.24 13.72
CA ASN A 152 -2.38 3.02 13.90
C ASN A 152 -1.25 2.16 13.94
C ASN A 152 -1.34 1.93 13.96
N GLY A 153 -0.71 1.66 12.83
CA GLY A 153 0.40 0.72 12.87
C GLY A 153 0.02 -0.69 13.29
N ALA A 154 -1.25 -1.06 13.11
CA ALA A 154 -1.69 -2.40 13.40
C ALA A 154 -3.01 -2.69 12.69
N ASP A 155 -3.29 -3.95 12.48
CA ASP A 155 -4.61 -4.35 11.97
C ASP A 155 -5.72 -3.95 12.99
N ALA A 156 -6.86 -3.60 12.43
CA ALA A 156 -8.05 -3.32 13.25
C ALA A 156 -8.96 -4.53 13.30
N HIS A 157 -9.83 -4.52 14.33
CA HIS A 157 -10.75 -5.63 14.55
C HIS A 157 -12.08 -5.07 15.12
N PHE A 158 -13.15 -5.51 14.49
CA PHE A 158 -14.50 -5.04 14.90
C PHE A 158 -15.31 -6.25 15.36
N VAL A 159 -16.02 -6.02 16.46
CA VAL A 159 -16.84 -7.09 17.11
C VAL A 159 -18.33 -6.74 16.96
N GLY A 160 -19.06 -7.58 16.24
CA GLY A 160 -20.50 -7.34 15.98
C GLY A 160 -21.37 -8.25 16.84
N THR A 161 -22.34 -7.61 17.50
CA THR A 161 -23.22 -8.35 18.42
C THR A 161 -24.58 -8.64 17.77
N TRP A 162 -25.01 -9.88 17.88
CA TRP A 162 -26.37 -10.32 17.46
C TRP A 162 -27.17 -10.68 18.72
N GLU A 163 -28.47 -10.37 18.71
CA GLU A 163 -29.36 -10.73 19.84
C GLU A 163 -30.44 -11.65 19.36
N PHE A 164 -30.88 -12.50 20.30
CA PHE A 164 -31.85 -13.57 20.04
C PHE A 164 -33.18 -13.29 20.71
N THR A 165 -34.22 -13.49 19.94
CA THR A 165 -35.61 -13.44 20.54
C THR A 165 -36.23 -14.79 20.34
N PRO A 166 -36.67 -15.52 21.42
CA PRO A 166 -37.23 -16.85 21.18
C PRO A 166 -38.59 -16.82 20.44
N ALA A 167 -38.93 -17.88 19.74
CA ALA A 167 -40.15 -17.97 18.92
C ALA A 167 -41.41 -17.83 19.81
#